data_3COP
#
_entry.id   3COP
#
_cell.length_a   125.840
_cell.length_b   125.840
_cell.length_c   151.958
_cell.angle_alpha   90.000
_cell.angle_beta   90.000
_cell.angle_gamma   90.000
#
_symmetry.space_group_name_H-M   'I 41'
#
loop_
_entity.id
_entity.type
_entity.pdbx_description
1 polymer 'Glycogen synthase'
2 non-polymer alpha-D-glucopyranose
3 non-polymer "ADENOSINE-5'-DIPHOSPHATE"
4 non-polymer '(2R)-2-hydroxy-3-[4-(2-hydroxyethyl)piperazin-1-yl]propane-1-sulfonic acid'
5 water water
#
_entity_poly.entity_id   1
_entity_poly.type   'polypeptide(L)'
_entity_poly.pdbx_seq_one_letter_code
;MQVLHVCSEMFPLLKTGGLADVIGALPAAQIADGVDARVLLPAFPDIRRGVTDAQVVSRRDTFAGHITLLFGHYNGVGIY
LIDAPHLYDRPGSPYHDTNLFAYTDNVLRFALLGWVGAEMASGLDPFWRPDVVHAHDWHAGLAPAYLAARGRPAKSVFTV
HNLAYQGMFYAHHMNDIQLPWSFFNIHGLEFNGQISFLKAGLYYADHITAVSPTYAREITEPQFAYGMEGLLQQRHREGR
LSGVLNGVDEKIWSPETDLLLASRYTRDTLEDKAENKRQLQIAMGLKVDDKVPLFAVVSRLTSQKGLDLVLEALPGLLEQ
GGQLALLGAGDPVLQEGFLAAAAEYPGQVGVQIGYHEAFSHRIMGGADVILVPSRFAPCGLTQLYGLKYGTLPLVRRTGG
LADTVSDCSLENLADGVASGFVFEDSNAWSLLRAIRRAFVLWSRPSLWRFVQRQAMAMDFSWQVAAKSYRELYYRLKLEH
HHHHH
;
_entity_poly.pdbx_strand_id   A
#
loop_
_chem_comp.id
_chem_comp.type
_chem_comp.name
_chem_comp.formula
250 non-polymer '(2R)-2-hydroxy-3-[4-(2-hydroxyethyl)piperazin-1-yl]propane-1-sulfonic acid' 'C9 H20 N2 O5 S'
ADP non-polymer ADENOSINE-5'-DIPHOSPHATE 'C10 H15 N5 O10 P2'
GLC D-saccharide, alpha linking alpha-D-glucopyranose 'C6 H12 O6'
#
# COMPACT_ATOMS: atom_id res chain seq x y z
N MET A 1 25.99 3.18 5.77
CA MET A 1 25.02 2.99 4.65
C MET A 1 23.95 4.07 4.75
N GLN A 2 23.90 4.93 3.75
CA GLN A 2 22.95 6.02 3.68
C GLN A 2 21.98 5.80 2.55
N VAL A 3 20.69 5.88 2.85
CA VAL A 3 19.66 5.52 1.87
C VAL A 3 18.62 6.63 1.76
N LEU A 4 18.25 6.96 0.53
CA LEU A 4 17.19 7.94 0.27
C LEU A 4 16.04 7.25 -0.41
N HIS A 5 14.89 7.29 0.26
CA HIS A 5 13.64 6.84 -0.32
C HIS A 5 13.06 7.95 -1.16
N VAL A 6 12.66 7.62 -2.37
CA VAL A 6 12.05 8.58 -3.28
C VAL A 6 10.61 8.12 -3.54
N CYS A 7 9.63 8.95 -3.18
CA CYS A 7 8.24 8.49 -3.21
C CYS A 7 7.29 9.67 -3.18
N SER A 8 5.99 9.40 -3.26
CA SER A 8 4.98 10.46 -3.39
C SER A 8 4.01 10.62 -2.22
N GLU A 9 4.05 9.71 -1.24
CA GLU A 9 3.19 9.80 -0.05
C GLU A 9 3.90 9.38 1.23
N MET A 10 3.37 9.82 2.37
CA MET A 10 3.89 9.35 3.64
C MET A 10 2.90 9.60 4.77
N PHE A 11 2.47 8.51 5.40
CA PHE A 11 1.57 8.62 6.53
C PHE A 11 2.35 9.23 7.69
N PRO A 12 1.72 10.10 8.50
CA PRO A 12 0.33 10.59 8.49
C PRO A 12 0.13 11.88 7.68
N LEU A 13 1.18 12.34 7.01
CA LEU A 13 1.16 13.63 6.34
C LEU A 13 0.33 13.63 5.05
N LEU A 14 0.51 12.61 4.22
CA LEU A 14 -0.32 12.47 3.05
C LEU A 14 -0.44 11.00 2.69
N LYS A 15 -1.68 10.54 2.52
CA LYS A 15 -1.98 9.13 2.28
C LYS A 15 -3.19 8.96 1.35
N THR A 16 -3.02 8.18 0.28
CA THR A 16 -4.16 7.76 -0.52
C THR A 16 -4.33 6.24 -0.43
N GLY A 17 -3.28 5.55 0.02
CA GLY A 17 -3.30 4.08 0.14
C GLY A 17 -2.13 3.53 0.94
N GLY A 18 -1.89 2.24 0.83
CA GLY A 18 -0.89 1.55 1.63
C GLY A 18 0.55 2.04 1.51
N LEU A 19 0.92 2.54 0.34
CA LEU A 19 2.26 3.10 0.16
C LEU A 19 2.60 4.13 1.25
N ALA A 20 1.64 4.97 1.62
CA ALA A 20 1.88 5.97 2.65
C ALA A 20 2.23 5.34 4.01
N ASP A 21 1.47 4.31 4.38
CA ASP A 21 1.73 3.54 5.62
C ASP A 21 3.17 3.01 5.67
N VAL A 22 3.62 2.46 4.55
CA VAL A 22 5.00 1.94 4.39
C VAL A 22 6.04 3.04 4.58
N ILE A 23 5.91 4.13 3.82
CA ILE A 23 6.89 5.21 3.89
C ILE A 23 6.91 5.84 5.29
N GLY A 24 5.77 5.78 5.97
CA GLY A 24 5.64 6.36 7.30
C GLY A 24 6.33 5.55 8.40
N ALA A 25 6.74 4.32 8.09
CA ALA A 25 7.24 3.39 9.12
C ALA A 25 8.58 2.70 8.79
N LEU A 26 8.83 2.40 7.52
CA LEU A 26 10.06 1.74 7.11
C LEU A 26 11.33 2.50 7.51
N PRO A 27 11.43 3.79 7.15
CA PRO A 27 12.69 4.52 7.42
C PRO A 27 13.12 4.47 8.90
N ALA A 28 12.19 4.69 9.83
CA ALA A 28 12.50 4.61 11.27
C ALA A 28 12.99 3.21 11.66
N ALA A 29 12.38 2.18 11.07
CA ALA A 29 12.81 0.82 11.34
C ALA A 29 14.23 0.62 10.85
N GLN A 30 14.55 1.21 9.70
CA GLN A 30 15.88 1.03 9.13
C GLN A 30 16.93 1.73 9.98
N ILE A 31 16.58 2.88 10.55
CA ILE A 31 17.49 3.60 11.43
C ILE A 31 17.79 2.78 12.69
N ALA A 32 16.77 2.11 13.25
CA ALA A 32 16.99 1.23 14.40
C ALA A 32 17.89 0.04 14.03
N ASP A 33 17.77 -0.43 12.79
CA ASP A 33 18.55 -1.57 12.32
C ASP A 33 19.88 -1.15 11.69
N GLY A 34 20.20 0.14 11.76
CA GLY A 34 21.55 0.60 11.44
C GLY A 34 21.78 1.13 10.03
N VAL A 35 20.74 1.64 9.39
CA VAL A 35 20.87 2.27 8.08
C VAL A 35 20.36 3.69 8.21
N ASP A 36 21.15 4.66 7.76
CA ASP A 36 20.76 6.04 7.82
C ASP A 36 19.78 6.35 6.68
N ALA A 37 18.48 6.22 6.94
CA ALA A 37 17.45 6.37 5.91
C ALA A 37 16.81 7.75 5.97
N ARG A 38 16.70 8.36 4.80
CA ARG A 38 16.05 9.64 4.67
C ARG A 38 14.96 9.51 3.61
N VAL A 39 14.00 10.44 3.61
CA VAL A 39 12.87 10.40 2.67
C VAL A 39 12.78 11.66 1.79
N LEU A 40 12.53 11.46 0.48
CA LEU A 40 12.33 12.57 -0.45
C LEU A 40 10.90 12.58 -0.97
N LEU A 41 10.20 13.69 -0.78
CA LEU A 41 8.81 13.83 -1.21
C LEU A 41 8.60 15.18 -1.92
N PRO A 42 7.64 15.23 -2.87
CA PRO A 42 7.21 16.53 -3.38
C PRO A 42 6.60 17.31 -2.23
N ALA A 43 6.76 18.63 -2.23
CA ALA A 43 6.20 19.44 -1.17
C ALA A 43 4.71 19.74 -1.42
N PHE A 44 3.90 18.68 -1.51
CA PHE A 44 2.44 18.83 -1.46
C PHE A 44 2.02 19.61 -0.19
N PRO A 45 0.93 20.38 -0.27
CA PRO A 45 0.55 21.22 0.88
C PRO A 45 0.54 20.51 2.24
N ASP A 46 -0.11 19.35 2.33
CA ASP A 46 -0.25 18.63 3.60
C ASP A 46 1.10 18.16 4.14
N ILE A 47 2.00 17.82 3.22
CA ILE A 47 3.35 17.44 3.60
C ILE A 47 4.16 18.65 4.10
N ARG A 48 4.15 19.76 3.35
CA ARG A 48 4.92 20.94 3.75
C ARG A 48 4.46 21.42 5.13
N ARG A 49 3.14 21.39 5.38
CA ARG A 49 2.65 21.90 6.66
C ARG A 49 2.97 21.01 7.87
N GLY A 50 3.21 19.72 7.64
CA GLY A 50 3.57 18.82 8.72
C GLY A 50 5.02 18.94 9.14
N VAL A 51 5.88 19.30 8.20
CA VAL A 51 7.32 19.38 8.48
C VAL A 51 7.69 20.78 8.91
N THR A 52 7.50 21.07 10.19
CA THR A 52 7.58 22.47 10.65
C THR A 52 9.00 22.98 10.92
N ASP A 53 10.00 22.09 10.86
CA ASP A 53 11.36 22.54 11.05
C ASP A 53 12.13 22.54 9.74
N ALA A 54 11.41 22.54 8.61
CA ALA A 54 12.04 22.47 7.29
C ALA A 54 12.90 23.68 7.00
N GLN A 55 14.12 23.44 6.56
CA GLN A 55 15.03 24.53 6.19
C GLN A 55 15.52 24.37 4.76
N VAL A 56 15.92 25.49 4.17
CA VAL A 56 16.47 25.51 2.83
C VAL A 56 17.83 24.81 2.76
N VAL A 57 17.95 23.88 1.82
CA VAL A 57 19.21 23.22 1.55
C VAL A 57 19.86 23.79 0.29
N SER A 58 19.08 23.93 -0.77
CA SER A 58 19.60 24.51 -1.99
C SER A 58 18.50 24.86 -2.96
N ARG A 59 18.89 25.59 -3.98
CA ARG A 59 17.97 26.00 -5.00
C ARG A 59 18.53 25.68 -6.39
N ARG A 60 17.68 25.16 -7.27
CA ARG A 60 18.15 24.78 -8.60
C ARG A 60 17.10 25.07 -9.65
N ASP A 61 17.58 25.28 -10.88
CA ASP A 61 16.74 25.25 -12.07
C ASP A 61 16.76 23.81 -12.61
N THR A 62 15.68 23.41 -13.27
CA THR A 62 15.57 22.06 -13.81
C THR A 62 14.70 22.13 -15.05
N PHE A 63 14.62 21.02 -15.79
CA PHE A 63 13.78 20.97 -17.01
C PHE A 63 12.33 21.33 -16.71
N ALA A 64 11.92 21.22 -15.45
CA ALA A 64 10.53 21.51 -15.06
C ALA A 64 10.43 22.81 -14.27
N GLY A 65 11.48 23.61 -14.31
CA GLY A 65 11.51 24.86 -13.56
C GLY A 65 12.25 24.76 -12.24
N HIS A 66 12.15 25.80 -11.43
CA HIS A 66 12.96 25.86 -10.22
C HIS A 66 12.45 25.02 -9.07
N ILE A 67 13.37 24.48 -8.30
CA ILE A 67 13.03 23.88 -7.04
C ILE A 67 13.82 24.52 -5.91
N THR A 68 13.19 24.62 -4.75
CA THR A 68 13.91 24.79 -3.50
C THR A 68 13.89 23.43 -2.77
N LEU A 69 15.07 22.85 -2.56
CA LEU A 69 15.17 21.65 -1.74
C LEU A 69 15.09 22.05 -0.26
N LEU A 70 14.08 21.54 0.44
CA LEU A 70 13.98 21.74 1.88
C LEU A 70 14.38 20.47 2.61
N PHE A 71 14.76 20.60 3.89
CA PHE A 71 15.04 19.44 4.73
C PHE A 71 14.60 19.70 6.15
N GLY A 72 13.85 18.75 6.70
CA GLY A 72 13.37 18.85 8.08
C GLY A 72 13.25 17.45 8.64
N HIS A 73 12.49 17.28 9.71
CA HIS A 73 12.26 15.97 10.29
C HIS A 73 10.79 15.77 10.56
N TYR A 74 10.40 14.51 10.58
CA TYR A 74 9.09 14.15 11.07
C TYR A 74 9.22 12.82 11.79
N ASN A 75 8.79 12.78 13.04
CA ASN A 75 8.92 11.56 13.84
C ASN A 75 10.36 11.09 13.89
N GLY A 76 11.28 12.04 14.00
CA GLY A 76 12.69 11.68 14.06
C GLY A 76 13.37 11.28 12.76
N VAL A 77 12.63 11.13 11.66
CA VAL A 77 13.30 10.82 10.41
C VAL A 77 13.54 12.04 9.50
N GLY A 78 14.68 12.05 8.84
CA GLY A 78 15.05 13.16 7.97
C GLY A 78 14.21 13.15 6.71
N ILE A 79 13.54 14.28 6.46
CA ILE A 79 12.61 14.43 5.34
C ILE A 79 13.03 15.57 4.40
N TYR A 80 13.29 15.25 3.14
CA TYR A 80 13.51 16.27 2.10
C TYR A 80 12.20 16.58 1.38
N LEU A 81 12.00 17.85 1.04
CA LEU A 81 10.80 18.24 0.30
C LEU A 81 11.21 19.03 -0.92
N ILE A 82 10.60 18.71 -2.06
CA ILE A 82 10.84 19.46 -3.28
C ILE A 82 9.80 20.57 -3.36
N ASP A 83 10.19 21.78 -2.93
CA ASP A 83 9.24 22.88 -3.02
C ASP A 83 9.34 23.47 -4.43
N ALA A 84 8.27 23.26 -5.20
CA ALA A 84 8.15 23.76 -6.56
C ALA A 84 6.69 24.04 -6.72
N PRO A 85 6.22 25.15 -6.14
CA PRO A 85 4.79 25.45 -6.01
C PRO A 85 4.02 25.39 -7.34
N HIS A 86 4.69 25.69 -8.44
CA HIS A 86 4.03 25.72 -9.75
C HIS A 86 3.67 24.32 -10.19
N LEU A 87 4.29 23.32 -9.56
CA LEU A 87 3.98 21.93 -9.85
C LEU A 87 3.16 21.28 -8.74
N TYR A 88 3.49 21.56 -7.49
CA TYR A 88 3.01 20.74 -6.37
C TYR A 88 2.06 21.43 -5.43
N ASP A 89 1.99 22.75 -5.48
CA ASP A 89 1.12 23.42 -4.52
C ASP A 89 -0.35 23.38 -4.98
N ARG A 90 -0.95 22.20 -4.89
CA ARG A 90 -2.35 22.04 -5.20
C ARG A 90 -3.02 21.04 -4.26
N PRO A 91 -4.29 21.31 -3.93
CA PRO A 91 -4.89 20.55 -2.83
C PRO A 91 -5.31 19.17 -3.30
N GLY A 92 -5.40 18.23 -2.37
CA GLY A 92 -5.99 16.95 -2.67
C GLY A 92 -4.97 15.93 -3.10
N SER A 93 -5.31 15.18 -4.15
CA SER A 93 -4.53 14.03 -4.59
C SER A 93 -3.22 14.43 -5.23
N PRO A 94 -2.14 13.66 -4.95
CA PRO A 94 -0.88 13.90 -5.64
C PRO A 94 -1.02 13.67 -7.14
N TYR A 95 -2.06 12.96 -7.57
CA TYR A 95 -2.09 12.39 -8.93
C TYR A 95 -3.08 13.02 -9.89
N HIS A 96 -4.19 13.54 -9.37
CA HIS A 96 -5.25 14.03 -10.24
C HIS A 96 -5.90 15.26 -9.62
N ASP A 97 -6.61 16.02 -10.43
CA ASP A 97 -7.34 17.19 -9.95
C ASP A 97 -8.63 16.74 -9.27
N THR A 98 -9.41 17.71 -8.79
CA THR A 98 -10.61 17.39 -8.02
C THR A 98 -11.70 16.74 -8.88
N ASN A 99 -11.61 16.87 -10.20
CA ASN A 99 -12.53 16.18 -11.10
C ASN A 99 -12.01 14.80 -11.48
N LEU A 100 -10.98 14.33 -10.78
CA LEU A 100 -10.42 12.99 -10.99
C LEU A 100 -9.63 12.84 -12.29
N PHE A 101 -9.26 13.94 -12.90
CA PHE A 101 -8.42 13.90 -14.09
C PHE A 101 -6.96 14.05 -13.75
N ALA A 102 -6.14 13.16 -14.30
CA ALA A 102 -4.69 13.26 -14.16
C ALA A 102 -4.25 14.67 -14.54
N TYR A 103 -3.33 15.25 -13.79
CA TYR A 103 -2.83 16.55 -14.15
C TYR A 103 -2.12 16.44 -15.48
N THR A 104 -2.32 17.42 -16.35
CA THR A 104 -1.71 17.41 -17.68
C THR A 104 -0.20 17.53 -17.61
N ASP A 105 0.33 18.12 -16.53
CA ASP A 105 1.79 18.17 -16.32
C ASP A 105 2.36 17.05 -15.43
N ASN A 106 1.58 15.99 -15.19
CA ASN A 106 2.08 14.85 -14.42
C ASN A 106 3.47 14.35 -14.83
N VAL A 107 3.72 14.36 -16.13
CA VAL A 107 5.00 13.89 -16.66
C VAL A 107 6.15 14.68 -16.04
N LEU A 108 5.94 15.97 -15.83
CA LEU A 108 6.97 16.85 -15.27
C LEU A 108 7.00 16.73 -13.75
N ARG A 109 5.82 16.67 -13.15
CA ARG A 109 5.69 16.57 -11.72
C ARG A 109 6.47 15.36 -11.20
N PHE A 110 6.27 14.22 -11.86
CA PHE A 110 6.92 12.98 -11.42
C PHE A 110 8.31 12.74 -12.03
N ALA A 111 8.55 13.22 -13.25
CA ALA A 111 9.93 13.25 -13.75
C ALA A 111 10.86 14.03 -12.79
N LEU A 112 10.41 15.19 -12.32
CA LEU A 112 11.18 15.99 -11.35
C LEU A 112 11.47 15.22 -10.03
N LEU A 113 10.46 14.52 -9.50
CA LEU A 113 10.65 13.65 -8.34
C LEU A 113 11.87 12.76 -8.54
N GLY A 114 11.85 12.01 -9.64
CA GLY A 114 12.96 11.14 -9.98
C GLY A 114 14.28 11.89 -10.15
N TRP A 115 14.22 13.03 -10.83
CA TRP A 115 15.43 13.83 -11.07
C TRP A 115 16.09 14.28 -9.78
N VAL A 116 15.28 14.78 -8.84
CA VAL A 116 15.85 15.26 -7.58
C VAL A 116 16.44 14.08 -6.79
N GLY A 117 15.75 12.93 -6.85
CA GLY A 117 16.26 11.72 -6.22
C GLY A 117 17.64 11.41 -6.74
N ALA A 118 17.82 11.43 -8.05
CA ALA A 118 19.12 11.17 -8.66
C ALA A 118 20.14 12.27 -8.34
N GLU A 119 19.71 13.53 -8.38
CA GLU A 119 20.62 14.63 -8.15
CA GLU A 119 20.62 14.63 -8.16
C GLU A 119 21.19 14.59 -6.73
N MET A 120 20.42 14.05 -5.80
CA MET A 120 20.88 13.92 -4.43
C MET A 120 22.14 13.07 -4.37
N ALA A 121 22.27 12.12 -5.29
CA ALA A 121 23.45 11.25 -5.34
C ALA A 121 24.70 12.02 -5.80
N SER A 122 24.51 13.21 -6.36
CA SER A 122 25.63 14.01 -6.88
C SER A 122 25.85 15.29 -6.08
N GLY A 123 25.44 15.31 -4.82
CA GLY A 123 25.74 16.48 -3.99
C GLY A 123 24.73 17.64 -3.98
N LEU A 124 23.51 17.41 -4.44
CA LEU A 124 22.46 18.43 -4.28
C LEU A 124 22.42 18.96 -2.84
N ASP A 125 22.60 18.07 -1.88
CA ASP A 125 22.73 18.44 -0.46
C ASP A 125 24.22 18.36 -0.12
N PRO A 126 24.87 19.52 0.13
CA PRO A 126 26.31 19.51 0.39
C PRO A 126 26.69 18.71 1.63
N PHE A 127 25.72 18.40 2.50
CA PHE A 127 26.04 17.75 3.77
C PHE A 127 25.67 16.27 3.85
N TRP A 128 25.07 15.73 2.78
CA TRP A 128 24.58 14.35 2.83
C TRP A 128 24.25 13.86 1.43
N ARG A 129 24.75 12.68 1.14
CA ARG A 129 24.62 12.10 -0.17
C ARG A 129 24.34 10.62 0.06
N PRO A 130 23.27 10.09 -0.55
CA PRO A 130 22.91 8.70 -0.36
C PRO A 130 23.82 7.73 -1.14
N ASP A 131 24.08 6.56 -0.55
CA ASP A 131 24.77 5.47 -1.23
C ASP A 131 23.80 4.70 -2.10
N VAL A 132 22.56 4.60 -1.62
CA VAL A 132 21.52 3.95 -2.39
C VAL A 132 20.30 4.87 -2.51
N VAL A 133 19.76 4.96 -3.72
CA VAL A 133 18.51 5.66 -3.97
C VAL A 133 17.44 4.59 -4.09
N HIS A 134 16.46 4.65 -3.19
CA HIS A 134 15.43 3.61 -3.12
C HIS A 134 14.11 4.21 -3.60
N ALA A 135 13.75 3.89 -4.84
CA ALA A 135 12.57 4.48 -5.48
C ALA A 135 11.35 3.59 -5.32
N HIS A 136 10.16 4.20 -5.18
CA HIS A 136 8.93 3.44 -4.95
C HIS A 136 7.85 3.71 -6.00
N ASP A 137 7.42 2.66 -6.70
CA ASP A 137 6.34 2.73 -7.69
C ASP A 137 6.66 3.69 -8.83
N TRP A 138 5.76 3.81 -9.81
CA TRP A 138 6.12 4.54 -11.03
C TRP A 138 6.48 6.00 -10.75
N HIS A 139 5.82 6.59 -9.75
CA HIS A 139 6.03 8.00 -9.42
C HIS A 139 7.51 8.35 -9.38
N ALA A 140 8.31 7.43 -8.84
CA ALA A 140 9.75 7.61 -8.65
C ALA A 140 10.56 6.84 -9.70
N GLY A 141 9.86 6.27 -10.69
CA GLY A 141 10.47 5.39 -11.67
C GLY A 141 11.62 5.95 -12.48
N LEU A 142 11.68 7.28 -12.65
CA LEU A 142 12.81 7.89 -13.40
C LEU A 142 14.12 8.05 -12.60
N ALA A 143 14.05 7.98 -11.28
CA ALA A 143 15.27 8.08 -10.46
C ALA A 143 16.40 7.19 -10.99
N PRO A 144 16.14 5.89 -11.16
CA PRO A 144 17.21 5.04 -11.69
C PRO A 144 17.64 5.40 -13.14
N ALA A 145 16.74 5.99 -13.93
CA ALA A 145 17.11 6.40 -15.29
C ALA A 145 18.06 7.58 -15.26
N TYR A 146 17.78 8.57 -14.41
CA TYR A 146 18.68 9.72 -14.31
C TYR A 146 20.04 9.26 -13.77
N LEU A 147 20.01 8.36 -12.79
CA LEU A 147 21.24 7.81 -12.22
C LEU A 147 22.07 7.11 -13.30
N ALA A 148 21.44 6.26 -14.10
CA ALA A 148 22.14 5.59 -15.22
C ALA A 148 22.75 6.60 -16.20
N ALA A 149 22.01 7.66 -16.53
CA ALA A 149 22.50 8.64 -17.47
C ALA A 149 23.70 9.42 -16.91
N ARG A 150 23.85 9.44 -15.59
CA ARG A 150 24.89 10.24 -14.97
CA ARG A 150 24.86 10.24 -14.92
C ARG A 150 26.08 9.38 -14.56
N GLY A 151 26.06 8.11 -14.96
CA GLY A 151 27.17 7.21 -14.66
C GLY A 151 27.02 6.45 -13.35
N ARG A 152 25.80 6.42 -12.81
CA ARG A 152 25.51 5.72 -11.57
C ARG A 152 26.33 6.19 -10.37
N PRO A 153 26.20 7.47 -10.01
CA PRO A 153 26.91 7.98 -8.83
C PRO A 153 26.38 7.36 -7.53
N ALA A 154 25.26 6.65 -7.60
CA ALA A 154 24.78 5.89 -6.46
C ALA A 154 24.11 4.64 -6.99
N LYS A 155 24.00 3.61 -6.16
CA LYS A 155 23.26 2.42 -6.54
C LYS A 155 21.76 2.65 -6.33
N SER A 156 20.92 1.84 -6.95
CA SER A 156 19.50 2.07 -6.85
C SER A 156 18.71 0.78 -6.67
N VAL A 157 17.69 0.84 -5.83
CA VAL A 157 16.66 -0.19 -5.84
C VAL A 157 15.31 0.41 -6.16
N PHE A 158 14.51 -0.35 -6.91
CA PHE A 158 13.18 0.07 -7.29
C PHE A 158 12.22 -0.93 -6.69
N THR A 159 11.29 -0.42 -5.90
CA THR A 159 10.35 -1.30 -5.23
C THR A 159 8.99 -1.18 -5.89
N VAL A 160 8.48 -2.32 -6.35
CA VAL A 160 7.15 -2.40 -6.91
C VAL A 160 6.12 -2.54 -5.79
N HIS A 161 5.28 -1.52 -5.62
CA HIS A 161 4.14 -1.65 -4.72
C HIS A 161 2.92 -2.13 -5.49
N ASN A 162 2.84 -1.77 -6.76
CA ASN A 162 1.75 -2.23 -7.62
C ASN A 162 2.09 -2.04 -9.09
N LEU A 163 2.06 -3.14 -9.83
CA LEU A 163 2.51 -3.12 -11.21
C LEU A 163 1.42 -2.63 -12.18
N ALA A 164 0.18 -2.52 -11.72
CA ALA A 164 -0.90 -2.10 -12.60
C ALA A 164 -0.84 -0.62 -13.00
N TYR A 165 -0.03 0.16 -12.27
CA TYR A 165 0.10 1.59 -12.48
C TYR A 165 1.45 1.83 -13.17
N GLN A 166 1.37 2.21 -14.43
CA GLN A 166 2.51 2.11 -15.32
C GLN A 166 3.20 3.44 -15.64
N GLY A 167 2.57 4.55 -15.26
CA GLY A 167 3.12 5.90 -15.53
C GLY A 167 3.43 6.11 -17.00
N MET A 168 2.38 6.00 -17.81
CA MET A 168 2.47 6.06 -19.27
C MET A 168 2.36 7.50 -19.74
N PHE A 169 3.34 7.92 -20.54
CA PHE A 169 3.28 9.24 -21.14
C PHE A 169 3.69 9.18 -22.60
N TYR A 170 3.11 10.07 -23.41
CA TYR A 170 3.44 10.16 -24.84
C TYR A 170 4.94 10.33 -25.07
N ALA A 171 5.44 9.65 -26.10
CA ALA A 171 6.86 9.63 -26.43
C ALA A 171 7.49 10.99 -26.65
N HIS A 172 6.72 11.96 -27.13
CA HIS A 172 7.27 13.27 -27.45
C HIS A 172 7.80 13.97 -26.19
N HIS A 173 7.36 13.51 -25.03
CA HIS A 173 7.82 14.09 -23.75
C HIS A 173 9.28 13.76 -23.44
N MET A 174 9.90 12.91 -24.26
CA MET A 174 11.34 12.72 -24.19
C MET A 174 12.00 14.08 -24.34
N ASN A 175 11.36 14.95 -25.12
CA ASN A 175 11.84 16.32 -25.33
C ASN A 175 11.84 17.15 -24.05
N ASP A 176 11.00 16.75 -23.09
CA ASP A 176 10.71 17.56 -21.91
C ASP A 176 11.39 17.13 -20.61
N ILE A 177 12.02 15.96 -20.59
CA ILE A 177 12.45 15.39 -19.30
C ILE A 177 13.96 15.22 -19.18
N GLN A 178 14.69 15.70 -20.19
CA GLN A 178 16.12 15.82 -20.09
C GLN A 178 16.82 14.48 -19.88
N LEU A 179 16.36 13.46 -20.59
CA LEU A 179 17.05 12.16 -20.64
C LEU A 179 17.56 11.89 -22.06
N PRO A 180 18.66 11.14 -22.19
CA PRO A 180 19.11 10.77 -23.54
C PRO A 180 18.00 10.18 -24.39
N TRP A 181 17.88 10.64 -25.63
CA TRP A 181 16.87 10.12 -26.53
C TRP A 181 17.06 8.63 -26.78
N SER A 182 18.31 8.15 -26.65
CA SER A 182 18.59 6.73 -26.84
C SER A 182 17.95 5.85 -25.76
N PHE A 183 17.46 6.49 -24.69
CA PHE A 183 16.77 5.76 -23.61
C PHE A 183 15.38 5.32 -24.05
N PHE A 184 14.84 5.97 -25.07
CA PHE A 184 13.54 5.58 -25.58
C PHE A 184 13.69 4.36 -26.48
N ASN A 185 13.76 3.19 -25.84
CA ASN A 185 14.07 1.95 -26.51
C ASN A 185 13.46 0.85 -25.66
N ILE A 186 13.10 -0.27 -26.27
CA ILE A 186 12.57 -1.41 -25.54
C ILE A 186 13.59 -1.85 -24.48
N HIS A 187 14.87 -1.70 -24.79
CA HIS A 187 15.92 -1.81 -23.80
C HIS A 187 16.14 -0.42 -23.17
N GLY A 188 15.12 0.01 -22.44
CA GLY A 188 15.05 1.35 -21.89
C GLY A 188 13.64 1.55 -21.38
N LEU A 189 13.16 2.78 -21.44
CA LEU A 189 11.86 3.12 -20.87
C LEU A 189 10.70 3.16 -21.85
N GLU A 190 10.89 2.65 -23.06
CA GLU A 190 9.79 2.57 -24.01
C GLU A 190 8.94 1.37 -23.65
N PHE A 191 7.64 1.53 -23.77
CA PHE A 191 6.73 0.45 -23.48
C PHE A 191 5.49 0.68 -24.32
N ASN A 192 5.27 -0.24 -25.26
CA ASN A 192 4.19 -0.15 -26.23
C ASN A 192 4.13 1.22 -26.89
N GLY A 193 5.29 1.72 -27.33
CA GLY A 193 5.36 2.98 -28.07
C GLY A 193 5.16 4.24 -27.24
N GLN A 194 5.09 4.09 -25.92
CA GLN A 194 5.07 5.24 -25.02
C GLN A 194 6.23 5.21 -24.02
N ILE A 195 6.41 6.34 -23.32
CA ILE A 195 7.27 6.37 -22.15
C ILE A 195 6.52 5.72 -20.99
N SER A 196 7.15 4.75 -20.32
CA SER A 196 6.61 4.24 -19.06
C SER A 196 7.59 4.46 -17.90
N PHE A 197 7.16 5.24 -16.90
CA PHE A 197 7.99 5.49 -15.70
C PHE A 197 8.20 4.19 -14.91
N LEU A 198 7.19 3.32 -14.90
CA LEU A 198 7.32 2.02 -14.27
C LEU A 198 8.42 1.20 -14.98
N LYS A 199 8.34 1.13 -16.31
CA LYS A 199 9.35 0.44 -17.11
C LYS A 199 10.73 0.99 -16.79
N ALA A 200 10.82 2.31 -16.71
CA ALA A 200 12.09 2.98 -16.42
C ALA A 200 12.69 2.51 -15.10
N GLY A 201 11.85 2.42 -14.07
CA GLY A 201 12.29 1.95 -12.75
C GLY A 201 12.73 0.51 -12.81
N LEU A 202 11.90 -0.34 -13.42
CA LEU A 202 12.25 -1.77 -13.56
C LEU A 202 13.54 -1.96 -14.37
N TYR A 203 13.70 -1.18 -15.44
CA TYR A 203 14.80 -1.39 -16.35
C TYR A 203 16.14 -0.90 -15.80
N TYR A 204 16.15 0.31 -15.24
CA TYR A 204 17.41 0.96 -14.91
C TYR A 204 17.91 0.71 -13.51
N ALA A 205 17.04 0.18 -12.65
CA ALA A 205 17.43 -0.09 -11.26
C ALA A 205 18.50 -1.18 -11.19
N ASP A 206 19.41 -1.09 -10.22
CA ASP A 206 20.35 -2.16 -9.98
C ASP A 206 19.63 -3.40 -9.46
N HIS A 207 18.57 -3.18 -8.68
CA HIS A 207 17.79 -4.28 -8.12
C HIS A 207 16.32 -3.85 -7.94
N ILE A 208 15.43 -4.82 -8.11
CA ILE A 208 13.99 -4.63 -8.01
C ILE A 208 13.49 -5.51 -6.88
N THR A 209 12.68 -4.94 -5.98
CA THR A 209 11.94 -5.73 -5.01
C THR A 209 10.48 -5.50 -5.22
N ALA A 210 9.69 -6.43 -4.73
CA ALA A 210 8.24 -6.31 -4.67
C ALA A 210 7.84 -6.51 -3.20
N VAL A 211 6.68 -5.99 -2.84
CA VAL A 211 6.29 -5.91 -1.44
C VAL A 211 5.77 -7.21 -0.82
N SER A 212 5.91 -8.33 -1.54
CA SER A 212 5.76 -9.66 -0.94
C SER A 212 6.48 -10.69 -1.79
N PRO A 213 6.92 -11.80 -1.18
CA PRO A 213 7.58 -12.90 -1.92
C PRO A 213 6.69 -13.48 -3.03
N THR A 214 5.41 -13.65 -2.77
CA THR A 214 4.52 -14.20 -3.78
C THR A 214 4.28 -13.23 -4.95
N TYR A 215 4.05 -11.97 -4.63
CA TYR A 215 3.93 -10.98 -5.71
C TYR A 215 5.20 -10.94 -6.57
N ALA A 216 6.38 -11.03 -5.95
CA ALA A 216 7.61 -11.03 -6.72
C ALA A 216 7.63 -12.21 -7.71
N ARG A 217 6.99 -13.32 -7.35
CA ARG A 217 6.86 -14.45 -8.27
C ARG A 217 5.83 -14.12 -9.36
N GLU A 218 4.67 -13.65 -8.92
CA GLU A 218 3.55 -13.39 -9.81
C GLU A 218 3.88 -12.44 -10.96
N ILE A 219 4.70 -11.43 -10.69
CA ILE A 219 4.94 -10.41 -11.72
C ILE A 219 5.88 -10.89 -12.83
N THR A 220 6.44 -12.10 -12.69
CA THR A 220 7.13 -12.72 -13.81
C THR A 220 6.11 -13.41 -14.73
N GLU A 221 4.83 -13.38 -14.35
CA GLU A 221 3.73 -13.97 -15.14
C GLU A 221 2.90 -12.91 -15.88
N PRO A 222 2.48 -13.23 -17.13
CA PRO A 222 1.69 -12.29 -17.94
C PRO A 222 0.44 -11.77 -17.26
N GLN A 223 -0.23 -12.62 -16.48
CA GLN A 223 -1.50 -12.17 -15.92
C GLN A 223 -1.34 -11.14 -14.79
N PHE A 224 -0.15 -11.05 -14.23
CA PHE A 224 0.13 -10.05 -13.20
C PHE A 224 1.09 -8.94 -13.66
N ALA A 225 1.72 -9.14 -14.82
CA ALA A 225 2.74 -8.21 -15.30
C ALA A 225 2.24 -7.30 -16.43
N TYR A 226 1.10 -7.64 -17.02
CA TYR A 226 0.49 -6.81 -18.07
C TYR A 226 1.46 -6.35 -19.16
N GLY A 227 2.34 -7.25 -19.62
CA GLY A 227 3.29 -6.90 -20.67
C GLY A 227 4.74 -6.76 -20.21
N MET A 228 4.94 -6.57 -18.91
CA MET A 228 6.30 -6.33 -18.37
C MET A 228 7.08 -7.59 -18.04
N GLU A 229 6.44 -8.75 -18.21
CA GLU A 229 6.97 -10.01 -17.67
C GLU A 229 8.31 -10.44 -18.25
N GLY A 230 8.56 -10.07 -19.50
CA GLY A 230 9.84 -10.38 -20.12
C GLY A 230 11.02 -9.73 -19.43
N LEU A 231 10.86 -8.48 -19.00
CA LEU A 231 11.93 -7.77 -18.29
C LEU A 231 12.15 -8.44 -16.94
N LEU A 232 11.04 -8.75 -16.27
CA LEU A 232 11.08 -9.28 -14.93
C LEU A 232 11.65 -10.70 -14.87
N GLN A 233 11.27 -11.53 -15.85
CA GLN A 233 11.87 -12.86 -16.02
C GLN A 233 13.38 -12.75 -16.23
N GLN A 234 13.81 -11.80 -17.06
CA GLN A 234 15.25 -11.56 -17.29
C GLN A 234 15.97 -11.11 -16.01
N ARG A 235 15.35 -10.18 -15.29
CA ARG A 235 15.91 -9.70 -14.01
C ARG A 235 15.93 -10.81 -12.95
N HIS A 236 14.89 -11.65 -12.92
CA HIS A 236 14.95 -12.82 -12.05
C HIS A 236 16.16 -13.69 -12.34
N ARG A 237 16.31 -14.07 -13.60
CA ARG A 237 17.47 -14.85 -14.02
C ARG A 237 18.79 -14.17 -13.60
N GLU A 238 18.83 -12.85 -13.67
CA GLU A 238 20.05 -12.12 -13.30
C GLU A 238 20.23 -12.02 -11.79
N GLY A 239 19.25 -12.52 -11.03
CA GLY A 239 19.28 -12.39 -9.56
C GLY A 239 19.04 -10.96 -9.09
N ARG A 240 18.26 -10.21 -9.86
CA ARG A 240 18.04 -8.79 -9.58
C ARG A 240 16.58 -8.50 -9.21
N LEU A 241 15.88 -9.55 -8.80
CA LEU A 241 14.49 -9.42 -8.39
C LEU A 241 14.25 -10.23 -7.10
N SER A 242 13.65 -9.58 -6.10
CA SER A 242 13.31 -10.28 -4.86
C SER A 242 12.07 -9.73 -4.16
N GLY A 243 11.58 -10.47 -3.18
CA GLY A 243 10.41 -10.05 -2.43
C GLY A 243 10.80 -9.78 -0.99
N VAL A 244 10.28 -8.69 -0.46
CA VAL A 244 10.43 -8.37 0.94
C VAL A 244 9.05 -7.96 1.45
N LEU A 245 8.53 -8.71 2.40
CA LEU A 245 7.20 -8.48 2.97
C LEU A 245 7.15 -7.19 3.81
N ASN A 246 6.09 -6.40 3.62
CA ASN A 246 5.85 -5.21 4.43
C ASN A 246 5.65 -5.57 5.91
N GLY A 247 5.93 -4.61 6.79
CA GLY A 247 5.57 -4.74 8.20
C GLY A 247 4.26 -4.00 8.48
N VAL A 248 3.83 -3.98 9.74
CA VAL A 248 2.79 -3.04 10.14
C VAL A 248 3.25 -2.10 11.23
N ASP A 249 2.80 -0.85 11.12
CA ASP A 249 3.20 0.19 12.07
C ASP A 249 2.41 0.08 13.37
N GLU A 250 3.09 -0.44 14.39
CA GLU A 250 2.49 -0.74 15.68
C GLU A 250 2.10 0.52 16.46
N LYS A 251 2.69 1.66 16.11
CA LYS A 251 2.30 2.91 16.74
C LYS A 251 0.87 3.25 16.35
N ILE A 252 0.46 2.79 15.18
CA ILE A 252 -0.80 3.20 14.59
C ILE A 252 -1.84 2.08 14.67
N TRP A 253 -1.43 0.88 14.25
CA TRP A 253 -2.33 -0.25 14.20
C TRP A 253 -2.04 -1.30 15.27
N SER A 254 -2.47 -1.03 16.49
CA SER A 254 -2.49 -2.02 17.59
C SER A 254 -3.73 -1.81 18.43
N PRO A 255 -4.57 -2.86 18.60
CA PRO A 255 -5.76 -2.67 19.44
C PRO A 255 -5.34 -2.42 20.89
N GLU A 256 -4.10 -2.77 21.21
CA GLU A 256 -3.62 -2.66 22.58
C GLU A 256 -3.52 -1.18 23.00
N THR A 257 -3.20 -0.31 22.04
CA THR A 257 -2.90 1.07 22.35
C THR A 257 -3.67 2.03 21.47
N ASP A 258 -4.48 1.50 20.55
CA ASP A 258 -5.18 2.35 19.57
C ASP A 258 -6.12 3.32 20.29
N LEU A 259 -5.74 4.60 20.28
CA LEU A 259 -6.52 5.66 20.90
C LEU A 259 -7.80 6.00 20.14
N LEU A 260 -7.95 5.51 18.92
CA LEU A 260 -9.17 5.79 18.12
C LEU A 260 -10.33 4.87 18.47
N LEU A 261 -10.06 3.88 19.33
CA LEU A 261 -11.03 2.85 19.69
C LEU A 261 -11.86 3.24 20.91
N ALA A 262 -13.13 2.85 20.93
CA ALA A 262 -13.93 3.04 22.14
C ALA A 262 -13.27 2.27 23.26
N SER A 263 -12.75 1.09 22.93
CA SER A 263 -12.16 0.21 23.94
C SER A 263 -10.91 -0.51 23.41
N ARG A 264 -9.80 -0.39 24.13
CA ARG A 264 -8.60 -1.10 23.75
C ARG A 264 -8.69 -2.54 24.25
N TYR A 265 -7.91 -3.44 23.65
CA TYR A 265 -8.00 -4.87 23.97
C TYR A 265 -6.73 -5.60 23.52
N THR A 266 -6.61 -6.85 23.94
CA THR A 266 -5.41 -7.63 23.68
C THR A 266 -5.79 -9.07 23.35
N ARG A 267 -4.81 -9.81 22.86
CA ARG A 267 -4.99 -11.22 22.51
C ARG A 267 -5.56 -12.03 23.68
N ASP A 268 -5.32 -11.59 24.91
CA ASP A 268 -5.81 -12.31 26.08
C ASP A 268 -7.00 -11.66 26.77
N THR A 269 -7.52 -10.56 26.19
CA THR A 269 -8.68 -9.88 26.74
C THR A 269 -9.65 -9.50 25.62
N LEU A 270 -9.95 -10.45 24.75
CA LEU A 270 -10.81 -10.16 23.60
C LEU A 270 -12.23 -9.80 23.99
N GLU A 271 -12.64 -10.12 25.21
CA GLU A 271 -13.93 -9.62 25.72
C GLU A 271 -13.99 -8.09 25.66
N ASP A 272 -12.85 -7.40 25.77
CA ASP A 272 -12.83 -5.94 25.68
C ASP A 272 -13.07 -5.38 24.26
N LYS A 273 -13.09 -6.25 23.25
CA LYS A 273 -13.44 -5.85 21.88
C LYS A 273 -14.94 -5.62 21.71
N ALA A 274 -15.75 -6.31 22.51
CA ALA A 274 -17.21 -6.29 22.38
C ALA A 274 -17.80 -4.89 22.29
N GLU A 275 -17.28 -3.98 23.11
CA GLU A 275 -17.78 -2.61 23.13
C GLU A 275 -17.55 -1.91 21.80
N ASN A 276 -16.42 -2.22 21.14
CA ASN A 276 -16.16 -1.65 19.82
C ASN A 276 -17.19 -2.10 18.80
N LYS A 277 -17.56 -3.37 18.87
CA LYS A 277 -18.56 -3.92 17.96
C LYS A 277 -19.89 -3.23 18.22
N ARG A 278 -20.26 -3.14 19.50
CA ARG A 278 -21.52 -2.51 19.86
C ARG A 278 -21.59 -1.10 19.29
N GLN A 279 -20.55 -0.31 19.53
CA GLN A 279 -20.53 1.06 19.02
C GLN A 279 -20.40 1.16 17.51
N LEU A 280 -19.79 0.16 16.87
CA LEU A 280 -19.74 0.13 15.41
C LEU A 280 -21.14 -0.09 14.84
N GLN A 281 -21.88 -1.01 15.44
CA GLN A 281 -23.24 -1.30 15.01
C GLN A 281 -24.15 -0.07 15.16
N ILE A 282 -24.09 0.56 16.32
CA ILE A 282 -24.80 1.82 16.54
C ILE A 282 -24.42 2.88 15.50
N ALA A 283 -23.12 3.09 15.29
CA ALA A 283 -22.66 4.16 14.38
C ALA A 283 -23.16 3.97 12.95
N MET A 284 -23.33 2.72 12.54
CA MET A 284 -23.68 2.41 11.16
C MET A 284 -25.18 2.15 11.00
N GLY A 285 -25.92 2.14 12.11
CA GLY A 285 -27.36 1.90 12.06
C GLY A 285 -27.71 0.42 11.96
N LEU A 286 -26.77 -0.43 12.36
CA LEU A 286 -27.02 -1.86 12.31
C LEU A 286 -27.76 -2.27 13.58
N LYS A 287 -28.46 -3.38 13.51
CA LYS A 287 -29.05 -3.93 14.70
C LYS A 287 -27.90 -4.25 15.67
N VAL A 288 -28.05 -3.82 16.92
CA VAL A 288 -27.04 -4.10 17.93
C VAL A 288 -27.22 -5.54 18.41
N ASP A 289 -26.41 -6.44 17.86
CA ASP A 289 -26.57 -7.87 18.13
C ASP A 289 -25.21 -8.54 18.19
N ASP A 290 -24.89 -9.13 19.34
CA ASP A 290 -23.60 -9.77 19.49
C ASP A 290 -23.57 -11.24 19.07
N LYS A 291 -24.69 -11.76 18.59
CA LYS A 291 -24.80 -13.18 18.22
C LYS A 291 -24.52 -13.36 16.75
N VAL A 292 -24.42 -12.23 16.06
CA VAL A 292 -24.35 -12.22 14.62
C VAL A 292 -22.96 -11.73 14.16
N PRO A 293 -22.38 -12.40 13.14
CA PRO A 293 -21.05 -12.00 12.67
C PRO A 293 -21.10 -10.69 11.86
N LEU A 294 -20.19 -9.77 12.15
CA LEU A 294 -20.13 -8.51 11.46
C LEU A 294 -18.94 -8.50 10.51
N PHE A 295 -19.21 -8.43 9.21
CA PHE A 295 -18.19 -8.44 8.18
C PHE A 295 -17.88 -7.01 7.81
N ALA A 296 -16.63 -6.75 7.46
CA ALA A 296 -16.18 -5.39 7.25
C ALA A 296 -15.45 -5.27 5.94
N VAL A 297 -15.58 -4.09 5.33
CA VAL A 297 -14.80 -3.71 4.18
C VAL A 297 -14.21 -2.34 4.48
N VAL A 298 -12.90 -2.20 4.29
CA VAL A 298 -12.23 -0.90 4.21
C VAL A 298 -11.35 -0.97 2.97
N SER A 299 -11.81 -0.36 1.88
CA SER A 299 -11.20 -0.62 0.59
C SER A 299 -11.63 0.35 -0.50
N ARG A 300 -10.76 0.55 -1.48
CA ARG A 300 -11.18 1.09 -2.75
C ARG A 300 -12.24 0.18 -3.33
N LEU A 301 -13.27 0.78 -3.90
CA LEU A 301 -14.41 0.05 -4.46
C LEU A 301 -14.16 -0.23 -5.94
N THR A 302 -13.36 -1.26 -6.23
CA THR A 302 -12.95 -1.55 -7.59
C THR A 302 -12.83 -3.05 -7.82
N SER A 303 -12.60 -3.41 -9.08
CA SER A 303 -12.48 -4.81 -9.44
C SER A 303 -11.11 -5.36 -9.02
N GLN A 304 -10.06 -4.54 -9.14
CA GLN A 304 -8.75 -4.89 -8.57
C GLN A 304 -8.92 -5.49 -7.17
N LYS A 305 -9.78 -4.86 -6.37
CA LYS A 305 -10.00 -5.26 -4.98
C LYS A 305 -11.11 -6.30 -4.81
N GLY A 306 -11.77 -6.68 -5.92
CA GLY A 306 -12.84 -7.70 -5.86
C GLY A 306 -14.14 -7.26 -5.21
N LEU A 307 -14.38 -5.96 -5.13
CA LEU A 307 -15.57 -5.50 -4.43
C LEU A 307 -16.88 -5.74 -5.19
N ASP A 308 -16.77 -6.05 -6.48
CA ASP A 308 -17.94 -6.44 -7.26
C ASP A 308 -18.39 -7.80 -6.78
N LEU A 309 -17.41 -8.65 -6.46
CA LEU A 309 -17.70 -9.97 -5.92
C LEU A 309 -18.40 -9.85 -4.59
N VAL A 310 -18.00 -8.88 -3.76
CA VAL A 310 -18.67 -8.68 -2.47
C VAL A 310 -20.13 -8.33 -2.71
N LEU A 311 -20.36 -7.36 -3.59
CA LEU A 311 -21.72 -6.95 -3.94
C LEU A 311 -22.57 -8.14 -4.44
N GLU A 312 -21.99 -8.96 -5.32
CA GLU A 312 -22.68 -10.15 -5.84
CA GLU A 312 -22.71 -10.12 -5.83
C GLU A 312 -22.99 -11.16 -4.73
N ALA A 313 -22.10 -11.26 -3.74
CA ALA A 313 -22.27 -12.26 -2.69
C ALA A 313 -23.13 -11.76 -1.53
N LEU A 314 -23.39 -10.47 -1.50
CA LEU A 314 -24.03 -9.87 -0.34
C LEU A 314 -25.34 -10.55 0.10
N PRO A 315 -26.26 -10.82 -0.85
CA PRO A 315 -27.50 -11.51 -0.46
C PRO A 315 -27.22 -12.83 0.26
N GLY A 316 -26.32 -13.63 -0.30
CA GLY A 316 -25.89 -14.86 0.36
C GLY A 316 -25.42 -14.63 1.79
N LEU A 317 -24.66 -13.56 1.99
CA LEU A 317 -24.14 -13.23 3.32
C LEU A 317 -25.28 -12.83 4.26
N LEU A 318 -26.20 -12.01 3.75
CA LEU A 318 -27.30 -11.50 4.55
C LEU A 318 -28.22 -12.64 4.94
N GLU A 319 -28.45 -13.53 3.98
CA GLU A 319 -29.35 -14.68 4.16
C GLU A 319 -28.89 -15.59 5.29
N GLN A 320 -27.57 -15.64 5.52
CA GLN A 320 -27.05 -16.47 6.60
C GLN A 320 -27.03 -15.75 7.93
N GLY A 321 -27.41 -14.47 7.92
CA GLY A 321 -27.57 -13.72 9.17
C GLY A 321 -26.40 -12.82 9.53
N GLY A 322 -25.54 -12.55 8.57
CA GLY A 322 -24.40 -11.67 8.84
C GLY A 322 -24.70 -10.21 8.60
N GLN A 323 -23.87 -9.34 9.15
CA GLN A 323 -23.99 -7.92 8.86
C GLN A 323 -22.80 -7.47 8.02
N LEU A 324 -22.98 -6.35 7.34
CA LEU A 324 -21.88 -5.73 6.62
C LEU A 324 -21.71 -4.29 7.07
N ALA A 325 -20.47 -3.92 7.37
CA ALA A 325 -20.08 -2.54 7.60
C ALA A 325 -18.99 -2.18 6.60
N LEU A 326 -19.32 -1.27 5.69
CA LEU A 326 -18.45 -0.96 4.59
C LEU A 326 -18.01 0.50 4.59
N LEU A 327 -16.71 0.71 4.41
CA LEU A 327 -16.16 2.02 4.19
C LEU A 327 -15.30 1.92 2.93
N GLY A 328 -15.52 2.83 1.98
CA GLY A 328 -14.71 2.85 0.77
C GLY A 328 -15.21 3.79 -0.31
N ALA A 329 -14.37 4.02 -1.31
CA ALA A 329 -14.72 4.83 -2.48
C ALA A 329 -14.09 4.20 -3.73
N GLY A 330 -14.70 4.44 -4.89
CA GLY A 330 -14.21 3.86 -6.16
C GLY A 330 -15.24 3.97 -7.27
N ASP A 331 -15.39 2.88 -8.03
CA ASP A 331 -16.38 2.79 -9.10
C ASP A 331 -17.77 3.22 -8.65
N PRO A 332 -18.30 4.29 -9.30
CA PRO A 332 -19.66 4.77 -9.04
C PRO A 332 -20.72 3.67 -9.09
N VAL A 333 -20.58 2.73 -10.02
CA VAL A 333 -21.51 1.59 -10.08
C VAL A 333 -21.53 0.84 -8.75
N LEU A 334 -20.35 0.59 -8.20
CA LEU A 334 -20.24 -0.12 -6.92
C LEU A 334 -20.69 0.73 -5.75
N GLN A 335 -20.27 2.00 -5.72
CA GLN A 335 -20.74 2.93 -4.69
C GLN A 335 -22.26 2.91 -4.64
N GLU A 336 -22.89 3.15 -5.79
CA GLU A 336 -24.35 3.17 -5.86
C GLU A 336 -24.92 1.81 -5.48
N GLY A 337 -24.29 0.75 -6.00
CA GLY A 337 -24.72 -0.60 -5.65
C GLY A 337 -24.77 -0.83 -4.14
N PHE A 338 -23.73 -0.41 -3.43
CA PHE A 338 -23.70 -0.58 -1.97
C PHE A 338 -24.64 0.35 -1.22
N LEU A 339 -24.77 1.59 -1.69
CA LEU A 339 -25.77 2.49 -1.10
C LEU A 339 -27.19 1.92 -1.25
N ALA A 340 -27.46 1.33 -2.41
CA ALA A 340 -28.75 0.66 -2.65
C ALA A 340 -28.99 -0.47 -1.64
N ALA A 341 -27.95 -1.26 -1.37
CA ALA A 341 -28.08 -2.38 -0.42
C ALA A 341 -28.32 -1.92 1.02
N ALA A 342 -27.70 -0.80 1.38
CA ALA A 342 -27.88 -0.24 2.71
C ALA A 342 -29.32 0.24 2.90
N ALA A 343 -29.87 0.86 1.84
CA ALA A 343 -31.26 1.33 1.84
C ALA A 343 -32.22 0.13 1.86
N GLU A 344 -31.95 -0.86 1.02
CA GLU A 344 -32.75 -2.07 0.94
C GLU A 344 -32.67 -2.92 2.21
N TYR A 345 -31.52 -2.92 2.89
CA TYR A 345 -31.34 -3.79 4.05
C TYR A 345 -30.85 -3.06 5.30
N PRO A 346 -31.59 -2.01 5.72
CA PRO A 346 -31.21 -1.24 6.90
C PRO A 346 -31.19 -2.13 8.12
N GLY A 347 -30.21 -1.93 9.00
CA GLY A 347 -30.09 -2.77 10.16
C GLY A 347 -29.16 -3.96 9.95
N GLN A 348 -28.91 -4.32 8.69
CA GLN A 348 -27.93 -5.37 8.40
C GLN A 348 -26.83 -4.94 7.44
N VAL A 349 -27.04 -3.83 6.74
CA VAL A 349 -26.02 -3.29 5.86
C VAL A 349 -25.78 -1.81 6.16
N GLY A 350 -24.56 -1.49 6.60
CA GLY A 350 -24.16 -0.11 6.87
C GLY A 350 -23.04 0.27 5.92
N VAL A 351 -23.17 1.45 5.30
CA VAL A 351 -22.28 1.88 4.22
C VAL A 351 -21.91 3.34 4.39
N GLN A 352 -20.67 3.66 4.07
CA GLN A 352 -20.13 4.99 4.19
C GLN A 352 -19.21 5.15 3.01
N ILE A 353 -19.59 5.98 2.05
CA ILE A 353 -18.78 6.19 0.84
C ILE A 353 -17.82 7.35 1.05
N GLY A 354 -16.54 7.12 0.80
CA GLY A 354 -15.53 8.14 1.01
C GLY A 354 -14.32 7.61 1.76
N TYR A 355 -13.40 8.51 2.11
CA TYR A 355 -12.18 8.16 2.78
C TYR A 355 -12.23 8.70 4.21
N HIS A 356 -12.12 7.82 5.21
CA HIS A 356 -12.11 8.26 6.61
CA HIS A 356 -12.13 8.25 6.60
C HIS A 356 -11.12 7.46 7.44
N GLU A 357 -9.95 8.06 7.69
CA GLU A 357 -8.86 7.41 8.40
C GLU A 357 -9.25 6.87 9.77
N ALA A 358 -9.84 7.72 10.60
CA ALA A 358 -10.20 7.33 11.95
C ALA A 358 -11.31 6.27 12.00
N PHE A 359 -12.30 6.41 11.12
CA PHE A 359 -13.36 5.42 11.04
C PHE A 359 -12.86 4.02 10.64
N SER A 360 -11.85 3.95 9.76
CA SER A 360 -11.28 2.66 9.42
C SER A 360 -10.78 1.89 10.66
N HIS A 361 -10.27 2.62 11.66
CA HIS A 361 -9.81 1.99 12.91
C HIS A 361 -10.99 1.45 13.70
N ARG A 362 -12.07 2.22 13.75
CA ARG A 362 -13.27 1.79 14.50
C ARG A 362 -13.94 0.60 13.85
N ILE A 363 -13.85 0.51 12.52
CA ILE A 363 -14.31 -0.70 11.83
C ILE A 363 -13.38 -1.90 12.15
N MET A 364 -12.07 -1.68 11.96
CA MET A 364 -11.08 -2.71 12.27
C MET A 364 -11.18 -3.23 13.71
N GLY A 365 -11.42 -2.34 14.67
CA GLY A 365 -11.48 -2.76 16.06
C GLY A 365 -12.82 -3.36 16.52
N GLY A 366 -13.83 -3.31 15.65
CA GLY A 366 -15.19 -3.71 16.03
C GLY A 366 -15.77 -4.87 15.23
N ALA A 367 -15.36 -5.00 13.98
CA ALA A 367 -15.84 -6.09 13.11
C ALA A 367 -15.24 -7.46 13.49
N ASP A 368 -15.88 -8.52 13.00
CA ASP A 368 -15.47 -9.90 13.27
C ASP A 368 -14.65 -10.48 12.16
N VAL A 369 -14.93 -10.03 10.93
CA VAL A 369 -14.20 -10.48 9.75
C VAL A 369 -13.93 -9.29 8.83
N ILE A 370 -12.76 -9.25 8.19
CA ILE A 370 -12.54 -8.25 7.15
C ILE A 370 -12.42 -8.91 5.77
N LEU A 371 -13.21 -8.39 4.82
CA LEU A 371 -13.30 -8.99 3.49
C LEU A 371 -12.26 -8.37 2.58
N VAL A 372 -11.34 -9.18 2.09
CA VAL A 372 -10.30 -8.68 1.19
C VAL A 372 -10.17 -9.62 -0.02
N PRO A 373 -11.21 -9.66 -0.88
CA PRO A 373 -11.29 -10.54 -2.04
C PRO A 373 -10.57 -10.00 -3.26
N SER A 374 -9.33 -9.56 -3.07
CA SER A 374 -8.56 -8.92 -4.13
C SER A 374 -8.32 -9.84 -5.33
N ARG A 375 -8.47 -9.28 -6.53
CA ARG A 375 -8.04 -9.95 -7.76
C ARG A 375 -6.51 -9.99 -7.88
N PHE A 376 -5.85 -8.91 -7.49
CA PHE A 376 -4.41 -8.96 -7.25
C PHE A 376 -4.08 -8.14 -6.02
N ALA A 377 -3.04 -8.54 -5.30
CA ALA A 377 -2.76 -7.93 -4.01
C ALA A 377 -1.27 -8.02 -3.75
N PRO A 378 -0.52 -7.01 -4.19
CA PRO A 378 0.93 -7.01 -3.97
C PRO A 378 1.26 -7.30 -2.50
N CYS A 379 0.52 -6.67 -1.59
CA CYS A 379 0.68 -6.96 -0.16
C CYS A 379 -0.66 -7.14 0.54
N GLY A 380 -1.43 -6.05 0.60
CA GLY A 380 -2.72 -6.06 1.24
C GLY A 380 -2.62 -5.81 2.74
N LEU A 381 -2.28 -4.57 3.09
CA LEU A 381 -2.09 -4.19 4.48
C LEU A 381 -3.33 -4.34 5.35
N THR A 382 -4.51 -4.03 4.82
CA THR A 382 -5.73 -4.08 5.66
C THR A 382 -5.92 -5.48 6.25
N GLN A 383 -5.43 -6.48 5.54
CA GLN A 383 -5.52 -7.84 6.01
C GLN A 383 -4.54 -8.11 7.17
N LEU A 384 -3.34 -7.53 7.11
CA LEU A 384 -2.41 -7.61 8.25
C LEU A 384 -3.00 -6.88 9.45
N TYR A 385 -3.72 -5.79 9.19
CA TYR A 385 -4.38 -5.06 10.28
C TYR A 385 -5.48 -5.94 10.88
N GLY A 386 -6.21 -6.66 10.03
CA GLY A 386 -7.25 -7.58 10.52
C GLY A 386 -6.67 -8.62 11.46
N LEU A 387 -5.55 -9.22 11.06
CA LEU A 387 -4.88 -10.20 11.89
C LEU A 387 -4.59 -9.61 13.28
N LYS A 388 -3.91 -8.47 13.32
CA LYS A 388 -3.51 -7.83 14.57
C LYS A 388 -4.69 -7.43 15.45
N TYR A 389 -5.82 -7.11 14.84
CA TYR A 389 -7.00 -6.71 15.60
C TYR A 389 -7.90 -7.91 15.90
N GLY A 390 -7.44 -9.11 15.58
CA GLY A 390 -8.28 -10.29 15.76
C GLY A 390 -9.58 -10.17 14.97
N THR A 391 -9.58 -9.39 13.89
CA THR A 391 -10.73 -9.46 12.98
C THR A 391 -10.34 -10.27 11.74
N LEU A 392 -10.83 -11.51 11.70
CA LEU A 392 -10.27 -12.53 10.83
C LEU A 392 -10.34 -12.10 9.38
N PRO A 393 -9.20 -12.17 8.67
CA PRO A 393 -9.27 -11.72 7.29
C PRO A 393 -9.81 -12.82 6.39
N LEU A 394 -10.64 -12.43 5.43
CA LEU A 394 -11.19 -13.38 4.46
C LEU A 394 -10.66 -12.95 3.11
N VAL A 395 -9.78 -13.75 2.55
CA VAL A 395 -8.99 -13.29 1.43
C VAL A 395 -8.97 -14.26 0.25
N ARG A 396 -8.64 -13.72 -0.92
CA ARG A 396 -8.33 -14.55 -2.08
C ARG A 396 -6.85 -14.94 -2.00
N ARG A 397 -6.52 -16.18 -2.37
CA ARG A 397 -5.13 -16.62 -2.31
C ARG A 397 -4.32 -16.08 -3.49
N THR A 398 -3.87 -14.83 -3.38
CA THR A 398 -3.00 -14.22 -4.38
C THR A 398 -2.09 -13.17 -3.71
N GLY A 399 -0.93 -12.91 -4.30
CA GLY A 399 -0.01 -11.90 -3.77
C GLY A 399 0.34 -12.09 -2.29
N GLY A 400 0.48 -10.99 -1.57
CA GLY A 400 0.82 -11.04 -0.15
C GLY A 400 -0.23 -11.70 0.72
N LEU A 401 -1.48 -11.65 0.28
CA LEU A 401 -2.55 -12.37 0.99
C LEU A 401 -2.23 -13.86 1.12
N ALA A 402 -1.57 -14.41 0.09
CA ALA A 402 -1.18 -15.82 0.06
C ALA A 402 -0.01 -16.08 1.00
N ASP A 403 0.81 -15.05 1.24
CA ASP A 403 1.96 -15.22 2.11
C ASP A 403 1.61 -15.12 3.58
N THR A 404 0.45 -14.55 3.91
CA THR A 404 0.26 -14.14 5.29
C THR A 404 -0.97 -14.71 5.99
N VAL A 405 -1.97 -15.15 5.24
CA VAL A 405 -3.16 -15.74 5.85
C VAL A 405 -3.15 -17.28 5.75
N SER A 406 -3.51 -17.94 6.85
CA SER A 406 -3.65 -19.40 6.85
C SER A 406 -5.12 -19.78 6.98
N ASP A 407 -5.61 -20.50 5.98
CA ASP A 407 -7.00 -20.91 5.95
C ASP A 407 -7.32 -21.75 7.18
N CYS A 408 -8.58 -21.70 7.59
CA CYS A 408 -9.06 -22.54 8.66
C CYS A 408 -9.31 -23.98 8.19
N SER A 409 -8.29 -24.60 7.62
CA SER A 409 -8.43 -25.97 7.18
C SER A 409 -8.22 -26.88 8.39
N LEU A 410 -8.57 -28.16 8.23
CA LEU A 410 -8.41 -29.11 9.32
C LEU A 410 -6.98 -29.12 9.82
N GLU A 411 -6.03 -29.14 8.88
CA GLU A 411 -4.65 -29.34 9.26
C GLU A 411 -4.08 -28.06 9.91
N ASN A 412 -4.48 -26.90 9.40
CA ASN A 412 -4.07 -25.63 9.98
C ASN A 412 -4.62 -25.46 11.41
N LEU A 413 -5.89 -25.79 11.62
CA LEU A 413 -6.47 -25.81 12.96
C LEU A 413 -5.72 -26.79 13.84
N ALA A 414 -5.48 -28.00 13.35
CA ALA A 414 -4.75 -29.00 14.12
C ALA A 414 -3.34 -28.54 14.46
N ASP A 415 -2.67 -27.87 13.51
CA ASP A 415 -1.30 -27.41 13.77
C ASP A 415 -1.31 -26.08 14.53
N GLY A 416 -2.49 -25.54 14.80
CA GLY A 416 -2.60 -24.24 15.45
C GLY A 416 -2.06 -23.05 14.65
N VAL A 417 -2.08 -23.13 13.32
CA VAL A 417 -1.64 -22.01 12.48
C VAL A 417 -2.78 -21.25 11.77
N ALA A 418 -4.00 -21.79 11.83
CA ALA A 418 -5.14 -21.16 11.16
C ALA A 418 -5.31 -19.74 11.69
N SER A 419 -5.58 -18.79 10.80
CA SER A 419 -5.71 -17.39 11.18
C SER A 419 -6.75 -16.62 10.38
N GLY A 420 -7.37 -17.27 9.40
CA GLY A 420 -8.45 -16.63 8.61
C GLY A 420 -9.07 -17.55 7.59
N PHE A 421 -9.68 -16.96 6.56
CA PHE A 421 -10.40 -17.72 5.55
C PHE A 421 -9.87 -17.37 4.16
N VAL A 422 -9.68 -18.40 3.35
CA VAL A 422 -9.04 -18.25 2.06
C VAL A 422 -9.87 -18.91 0.96
N PHE A 423 -10.12 -18.18 -0.12
CA PHE A 423 -10.75 -18.75 -1.30
C PHE A 423 -9.87 -18.53 -2.51
N GLU A 424 -10.20 -19.20 -3.58
CA GLU A 424 -9.26 -19.46 -4.64
C GLU A 424 -9.51 -18.59 -5.90
N ASP A 425 -10.76 -18.60 -6.38
CA ASP A 425 -11.07 -18.03 -7.68
C ASP A 425 -11.84 -16.73 -7.57
N SER A 426 -11.61 -15.86 -8.54
CA SER A 426 -12.25 -14.55 -8.58
C SER A 426 -13.73 -14.60 -9.02
N ASN A 427 -14.53 -15.35 -8.28
CA ASN A 427 -15.96 -15.29 -8.50
C ASN A 427 -16.74 -15.33 -7.19
N ALA A 428 -18.01 -14.93 -7.25
CA ALA A 428 -18.87 -14.86 -6.09
C ALA A 428 -19.13 -16.21 -5.42
N TRP A 429 -19.18 -17.28 -6.21
CA TRP A 429 -19.41 -18.60 -5.64
C TRP A 429 -18.24 -19.02 -4.74
N SER A 430 -17.03 -18.80 -5.25
CA SER A 430 -15.80 -19.08 -4.53
C SER A 430 -15.76 -18.25 -3.23
N LEU A 431 -16.01 -16.96 -3.34
CA LEU A 431 -16.09 -16.10 -2.18
C LEU A 431 -17.13 -16.62 -1.21
N LEU A 432 -18.29 -17.01 -1.72
CA LEU A 432 -19.39 -17.47 -0.85
C LEU A 432 -19.04 -18.72 -0.05
N ARG A 433 -18.21 -19.58 -0.59
CA ARG A 433 -17.77 -20.74 0.18
C ARG A 433 -16.96 -20.34 1.43
N ALA A 434 -16.02 -19.41 1.26
CA ALA A 434 -15.25 -18.87 2.38
C ALA A 434 -16.18 -18.19 3.39
N ILE A 435 -17.13 -17.42 2.88
CA ILE A 435 -18.13 -16.82 3.76
C ILE A 435 -18.87 -17.88 4.58
N ARG A 436 -19.28 -18.98 3.94
CA ARG A 436 -19.93 -20.10 4.65
C ARG A 436 -19.00 -20.70 5.71
N ARG A 437 -17.72 -20.85 5.36
CA ARG A 437 -16.73 -21.36 6.32
C ARG A 437 -16.73 -20.46 7.57
N ALA A 438 -16.86 -19.15 7.36
CA ALA A 438 -16.84 -18.21 8.48
C ALA A 438 -18.07 -18.43 9.37
N PHE A 439 -19.22 -18.63 8.76
CA PHE A 439 -20.44 -18.95 9.52
C PHE A 439 -20.31 -20.26 10.28
N VAL A 440 -19.72 -21.28 9.67
CA VAL A 440 -19.47 -22.51 10.40
C VAL A 440 -18.56 -22.28 11.63
N LEU A 441 -17.46 -21.53 11.44
CA LEU A 441 -16.54 -21.27 12.56
C LEU A 441 -17.23 -20.39 13.62
N TRP A 442 -18.05 -19.46 13.17
CA TRP A 442 -18.77 -18.58 14.08
C TRP A 442 -19.67 -19.40 15.03
N SER A 443 -20.21 -20.52 14.52
CA SER A 443 -21.09 -21.37 15.32
C SER A 443 -20.31 -22.18 16.34
N ARG A 444 -19.00 -22.02 16.36
CA ARG A 444 -18.17 -22.68 17.36
C ARG A 444 -17.29 -21.65 18.06
N PRO A 445 -17.87 -20.93 19.04
CA PRO A 445 -17.22 -19.78 19.65
C PRO A 445 -15.79 -20.06 20.14
N SER A 446 -15.56 -21.20 20.76
CA SER A 446 -14.21 -21.47 21.27
C SER A 446 -13.19 -21.75 20.16
N LEU A 447 -13.64 -22.29 19.03
CA LEU A 447 -12.76 -22.43 17.86
C LEU A 447 -12.48 -21.06 17.26
N TRP A 448 -13.52 -20.24 17.14
CA TRP A 448 -13.36 -18.87 16.69
C TRP A 448 -12.28 -18.17 17.51
N ARG A 449 -12.44 -18.20 18.84
CA ARG A 449 -11.49 -17.56 19.76
C ARG A 449 -10.06 -18.08 19.53
N PHE A 450 -9.92 -19.40 19.41
CA PHE A 450 -8.65 -20.05 19.10
C PHE A 450 -8.00 -19.44 17.85
N VAL A 451 -8.78 -19.30 16.79
CA VAL A 451 -8.28 -18.72 15.54
C VAL A 451 -7.94 -17.21 15.68
N GLN A 452 -8.79 -16.46 16.39
CA GLN A 452 -8.50 -15.06 16.73
C GLN A 452 -7.15 -14.89 17.42
N ARG A 453 -6.88 -15.71 18.44
CA ARG A 453 -5.62 -15.57 19.15
C ARG A 453 -4.43 -15.93 18.27
N GLN A 454 -4.57 -16.88 17.34
CA GLN A 454 -3.49 -17.18 16.42
C GLN A 454 -3.27 -16.04 15.41
N ALA A 455 -4.37 -15.50 14.89
CA ALA A 455 -4.30 -14.33 14.02
C ALA A 455 -3.50 -13.21 14.71
N MET A 456 -3.83 -12.92 15.96
CA MET A 456 -3.13 -11.90 16.76
C MET A 456 -1.73 -12.27 17.19
N ALA A 457 -1.33 -13.52 17.03
CA ALA A 457 0.05 -13.92 17.35
C ALA A 457 1.00 -13.67 16.18
N MET A 458 0.43 -13.52 14.98
CA MET A 458 1.24 -13.30 13.78
C MET A 458 1.96 -11.95 13.91
N ASP A 459 3.21 -11.90 13.48
CA ASP A 459 4.00 -10.68 13.59
C ASP A 459 4.54 -10.19 12.25
N PHE A 460 4.38 -8.90 12.01
CA PHE A 460 4.84 -8.28 10.78
C PHE A 460 5.60 -7.02 11.16
N SER A 461 6.92 -7.19 11.19
CA SER A 461 7.79 -6.24 11.83
C SER A 461 8.58 -5.47 10.78
N TRP A 462 8.53 -4.14 10.87
CA TRP A 462 9.33 -3.32 9.96
C TRP A 462 10.83 -3.49 10.20
N GLN A 463 11.25 -3.75 11.44
CA GLN A 463 12.69 -3.93 11.71
C GLN A 463 13.21 -5.25 11.18
N VAL A 464 12.34 -6.27 11.19
CA VAL A 464 12.70 -7.50 10.49
C VAL A 464 12.81 -7.22 8.99
N ALA A 465 11.87 -6.46 8.42
CA ALA A 465 11.92 -6.09 7.00
C ALA A 465 13.18 -5.27 6.70
N ALA A 466 13.52 -4.34 7.60
CA ALA A 466 14.68 -3.48 7.42
C ALA A 466 15.94 -4.32 7.22
N LYS A 467 16.01 -5.44 7.94
CA LYS A 467 17.18 -6.31 7.90
C LYS A 467 17.36 -6.93 6.53
N SER A 468 16.26 -7.31 5.88
CA SER A 468 16.33 -7.79 4.50
C SER A 468 16.77 -6.68 3.54
N TYR A 469 16.19 -5.50 3.66
CA TYR A 469 16.64 -4.40 2.81
C TYR A 469 18.12 -4.10 3.02
N ARG A 470 18.56 -4.11 4.27
CA ARG A 470 19.96 -3.84 4.57
C ARG A 470 20.87 -4.83 3.86
N GLU A 471 20.50 -6.11 3.94
CA GLU A 471 21.29 -7.17 3.33
C GLU A 471 21.41 -6.87 1.84
N LEU A 472 20.28 -6.51 1.23
CA LEU A 472 20.23 -6.14 -0.16
C LEU A 472 21.13 -4.95 -0.49
N TYR A 473 21.04 -3.87 0.29
CA TYR A 473 21.83 -2.69 -0.03
C TYR A 473 23.33 -3.00 -0.01
N TYR A 474 23.75 -3.87 0.89
CA TYR A 474 25.17 -4.23 0.99
C TYR A 474 25.62 -5.20 -0.12
N ARG A 475 24.69 -5.95 -0.69
CA ARG A 475 25.00 -6.79 -1.83
C ARG A 475 25.12 -6.00 -3.13
N LEU A 476 24.58 -4.78 -3.19
CA LEU A 476 24.64 -3.98 -4.41
C LEU A 476 26.07 -3.48 -4.66
C1 GLC B . -5.67 -0.64 -12.38
C2 GLC B . -6.25 -2.05 -12.46
C3 GLC B . -7.78 -2.11 -12.29
C4 GLC B . -8.15 -1.31 -11.05
C5 GLC B . -7.68 0.12 -11.28
C6 GLC B . -8.13 1.01 -10.12
O1 GLC B . -5.74 0.05 -13.61
O2 GLC B . -5.90 -2.67 -13.68
O3 GLC B . -8.22 -3.45 -12.22
O4 GLC B . -9.54 -1.37 -10.77
O5 GLC B . -6.27 0.15 -11.36
O6 GLC B . -8.77 0.15 -9.21
PB ADP C . -3.09 -0.59 -1.53
O1B ADP C . -1.60 -0.62 -1.25
O2B ADP C . -3.65 -1.07 -2.85
O3B ADP C . -3.56 0.91 -1.26
PA ADP C . -3.48 -1.86 1.07
O1A ADP C . -2.09 -2.42 1.13
O2A ADP C . -4.63 -2.64 1.64
O3A ADP C . -3.91 -1.47 -0.44
O5' ADP C . -3.48 -0.44 1.80
C5' ADP C . -4.66 0.36 1.81
C4' ADP C . -4.51 1.37 2.92
O4' ADP C . -5.45 2.39 2.68
C3' ADP C . -4.90 0.79 4.27
O3' ADP C . -4.32 1.58 5.32
C2' ADP C . -6.40 0.99 4.28
O2' ADP C . -6.89 0.94 5.62
C1' ADP C . -6.48 2.37 3.67
N9 ADP C . -7.79 2.69 3.04
C8 ADP C . -8.25 2.27 1.85
N7 ADP C . -9.50 2.77 1.67
C5 ADP C . -9.79 3.52 2.76
C6 ADP C . -10.90 4.30 3.15
N6 ADP C . -11.97 4.41 2.34
N1 ADP C . -10.89 4.94 4.34
C2 ADP C . -9.81 4.86 5.15
N3 ADP C . -8.73 4.12 4.81
C4 ADP C . -8.70 3.46 3.62
O1 250 D . -1.08 6.34 -11.66
S1 250 D . -2.20 6.92 -10.90
O2 250 D . -2.44 8.31 -11.38
O3 250 D . -3.43 6.11 -11.07
C1 250 D . -1.99 7.04 -9.22
C2 250 D . -1.03 6.15 -8.40
O4 250 D . -0.49 5.06 -9.12
C3 250 D . -1.73 5.81 -7.07
N1 250 D . -1.21 4.61 -6.36
C7 250 D . -1.47 3.29 -6.92
C6 250 D . -1.76 2.35 -5.76
N2 250 D . -0.54 2.25 -4.98
C5 250 D . 0.29 3.45 -4.76
C4 250 D . -0.50 4.74 -5.09
C8 250 D . -0.15 0.93 -4.50
C9 250 D . 0.63 1.04 -3.18
O5 250 D . -0.26 1.41 -2.11
#